data_3BD9
#
_entry.id   3BD9
#
_cell.length_a   59.270
_cell.length_b   59.270
_cell.length_c   173.957
_cell.angle_alpha   90.00
_cell.angle_beta   90.00
_cell.angle_gamma   90.00
#
_symmetry.space_group_name_H-M   'P 43 21 2'
#
loop_
_entity.id
_entity.type
_entity.pdbx_description
1 polymer 'Heparan sulfate glucosamine 3-O-sulfotransferase 5'
2 non-polymer "ADENOSINE-3'-5'-DIPHOSPHATE"
3 water water
#
_entity_poly.entity_id   1
_entity_poly.type   'polypeptide(L)'
_entity_poly.pdbx_seq_one_letter_code
;MGSSHHHHHHSSGLVPRGSHMQQLPKAIIIGVRKGGTRALLEMLNLHPAVVKASQEIHFFDNDENYGKGIEWYRKKMPFS
YPQQITIEKSPAYFITEEVPERIYKMNSSIKLLIIVREPTTRAISDYTQVLEGKERKNKTYYKFEKLAIDPNTCEVNTKY
KAVRTSIYTKHLERWLKYFPIEQFHVVDGDRLITEPLPELQLVEKFLNLPPRISQYNLYFNATRGFYCLRFNEIFNKCLA
GSKGRIHPEVDPSVITKLRKFFHPFNQKFYQITGRTLNWP
;
_entity_poly.pdbx_strand_id   A
#
# COMPACT_ATOMS: atom_id res chain seq x y z
N SER A 19 -26.55 13.33 -10.74
CA SER A 19 -26.50 13.08 -9.27
C SER A 19 -25.81 11.74 -8.97
N HIS A 20 -25.99 10.77 -9.85
CA HIS A 20 -25.36 9.47 -9.68
C HIS A 20 -24.49 9.22 -10.91
N MET A 21 -23.18 9.38 -10.76
CA MET A 21 -22.26 9.18 -11.87
C MET A 21 -20.95 8.50 -11.53
N GLN A 22 -20.28 8.03 -12.58
CA GLN A 22 -18.99 7.38 -12.43
C GLN A 22 -17.99 8.51 -12.41
N GLN A 23 -17.31 8.68 -11.29
CA GLN A 23 -16.34 9.76 -11.14
C GLN A 23 -14.91 9.22 -11.06
N LEU A 24 -13.96 10.02 -11.55
CA LEU A 24 -12.57 9.62 -11.47
C LEU A 24 -12.18 9.66 -9.99
N PRO A 25 -11.25 8.80 -9.55
CA PRO A 25 -10.85 8.81 -8.14
C PRO A 25 -10.18 10.12 -7.72
N LYS A 26 -10.43 10.55 -6.49
CA LYS A 26 -9.82 11.78 -6.00
C LYS A 26 -8.70 11.43 -5.01
N ALA A 27 -8.53 10.13 -4.79
CA ALA A 27 -7.49 9.64 -3.91
C ALA A 27 -7.09 8.26 -4.41
N ILE A 28 -5.79 8.02 -4.47
CA ILE A 28 -5.30 6.73 -4.94
C ILE A 28 -4.27 6.17 -3.97
N ILE A 29 -4.44 4.89 -3.64
CA ILE A 29 -3.52 4.19 -2.77
C ILE A 29 -2.51 3.65 -3.77
N ILE A 30 -1.37 4.31 -3.88
CA ILE A 30 -0.37 3.90 -4.85
C ILE A 30 0.61 2.83 -4.38
N GLY A 31 0.56 2.49 -3.11
CA GLY A 31 1.47 1.49 -2.57
C GLY A 31 1.40 1.51 -1.06
N VAL A 32 2.20 0.69 -0.39
CA VAL A 32 3.14 -0.22 -1.04
C VAL A 32 2.67 -1.66 -0.93
N ARG A 33 2.92 -2.46 -1.96
CA ARG A 33 2.51 -3.87 -1.94
C ARG A 33 2.97 -4.56 -0.65
N LYS A 34 2.06 -5.26 0.01
CA LYS A 34 2.33 -5.97 1.26
C LYS A 34 2.37 -5.05 2.47
N GLY A 35 2.08 -3.77 2.26
CA GLY A 35 2.08 -2.84 3.37
C GLY A 35 0.71 -2.79 4.02
N GLY A 36 -0.26 -3.43 3.37
CA GLY A 36 -1.63 -3.46 3.86
C GLY A 36 -2.58 -2.61 3.03
N THR A 37 -2.35 -2.56 1.72
CA THR A 37 -3.19 -1.75 0.84
C THR A 37 -4.66 -2.20 0.79
N ARG A 38 -4.90 -3.51 0.70
CA ARG A 38 -6.27 -4.03 0.64
C ARG A 38 -7.01 -3.70 1.95
N ALA A 39 -6.37 -3.97 3.08
CA ALA A 39 -6.94 -3.70 4.39
C ALA A 39 -7.28 -2.23 4.52
N LEU A 40 -6.36 -1.36 4.11
CA LEU A 40 -6.60 0.07 4.19
C LEU A 40 -7.83 0.48 3.37
N LEU A 41 -7.91 -0.04 2.15
CA LEU A 41 -9.03 0.28 1.28
C LEU A 41 -10.37 -0.18 1.88
N GLU A 42 -10.40 -1.41 2.36
CA GLU A 42 -11.61 -1.96 2.96
C GLU A 42 -12.06 -1.16 4.16
N MET A 43 -11.11 -0.73 4.99
CA MET A 43 -11.45 0.02 6.19
C MET A 43 -11.94 1.43 5.87
N LEU A 44 -11.33 2.08 4.90
CA LEU A 44 -11.76 3.41 4.51
C LEU A 44 -13.17 3.32 3.94
N ASN A 45 -13.50 2.17 3.37
CA ASN A 45 -14.83 1.98 2.79
C ASN A 45 -15.92 1.94 3.86
N LEU A 46 -15.49 1.93 5.12
CA LEU A 46 -16.45 1.95 6.23
C LEU A 46 -17.09 3.33 6.29
N HIS A 47 -16.37 4.33 5.79
CA HIS A 47 -16.86 5.71 5.79
C HIS A 47 -17.96 5.87 4.74
N PRO A 48 -19.12 6.40 5.17
CA PRO A 48 -20.26 6.60 4.27
C PRO A 48 -20.00 7.41 3.00
N ALA A 49 -18.98 8.26 3.02
CA ALA A 49 -18.67 9.09 1.85
C ALA A 49 -17.65 8.47 0.91
N VAL A 50 -17.05 7.34 1.31
CA VAL A 50 -16.07 6.66 0.48
C VAL A 50 -16.67 5.56 -0.36
N VAL A 51 -16.22 5.46 -1.61
CA VAL A 51 -16.66 4.43 -2.53
C VAL A 51 -15.39 3.84 -3.15
N LYS A 52 -15.19 2.53 -3.01
CA LYS A 52 -13.98 1.94 -3.54
C LYS A 52 -14.14 1.34 -4.94
N ALA A 53 -13.14 1.54 -5.78
CA ALA A 53 -13.14 0.99 -7.13
C ALA A 53 -12.92 -0.52 -6.96
N SER A 54 -13.75 -1.32 -7.63
CA SER A 54 -13.65 -2.77 -7.53
C SER A 54 -12.40 -3.32 -8.22
N GLN A 55 -11.61 -4.08 -7.47
CA GLN A 55 -10.39 -4.70 -7.97
C GLN A 55 -9.41 -3.67 -8.52
N GLU A 56 -8.24 -4.14 -8.93
CA GLU A 56 -7.22 -3.27 -9.51
C GLU A 56 -7.46 -3.20 -11.01
N ILE A 57 -7.50 -1.99 -11.55
CA ILE A 57 -7.76 -1.79 -12.96
C ILE A 57 -6.49 -1.75 -13.82
N HIS A 58 -5.36 -1.43 -13.20
CA HIS A 58 -4.10 -1.35 -13.93
C HIS A 58 -4.27 -0.44 -15.13
N PHE A 59 -4.40 0.86 -14.88
CA PHE A 59 -4.58 1.82 -15.95
C PHE A 59 -3.31 2.55 -16.34
N PHE A 60 -2.67 3.17 -15.36
CA PHE A 60 -1.45 3.93 -15.60
C PHE A 60 -0.18 3.11 -15.78
N ASP A 61 -0.18 1.88 -15.30
CA ASP A 61 0.98 1.00 -15.41
C ASP A 61 0.90 0.03 -16.59
N ASN A 62 -0.09 0.21 -17.45
CA ASN A 62 -0.29 -0.67 -18.60
C ASN A 62 -0.53 0.14 -19.86
N ASP A 63 0.43 0.15 -20.78
CA ASP A 63 0.30 0.91 -22.02
C ASP A 63 -0.95 0.57 -22.84
N GLU A 64 -1.29 -0.71 -22.89
CA GLU A 64 -2.48 -1.14 -23.64
C GLU A 64 -3.72 -0.42 -23.11
N ASN A 65 -3.93 -0.50 -21.80
CA ASN A 65 -5.09 0.14 -21.18
C ASN A 65 -4.99 1.66 -21.14
N TYR A 66 -3.80 2.17 -20.90
CA TYR A 66 -3.61 3.62 -20.84
C TYR A 66 -3.90 4.24 -22.19
N GLY A 67 -3.80 3.43 -23.25
CA GLY A 67 -4.06 3.94 -24.59
C GLY A 67 -5.54 4.17 -24.85
N LYS A 68 -6.39 3.43 -24.14
CA LYS A 68 -7.84 3.57 -24.29
C LYS A 68 -8.38 4.92 -23.80
N GLY A 69 -7.55 5.69 -23.11
CA GLY A 69 -7.98 7.00 -22.65
C GLY A 69 -8.62 7.09 -21.27
N ILE A 70 -8.65 8.30 -20.74
CA ILE A 70 -9.22 8.57 -19.42
C ILE A 70 -10.69 8.17 -19.29
N GLU A 71 -11.46 8.30 -20.36
CA GLU A 71 -12.86 7.93 -20.31
C GLU A 71 -13.09 6.44 -20.06
N TRP A 72 -12.27 5.59 -20.65
CA TRP A 72 -12.39 4.15 -20.44
C TRP A 72 -12.19 3.89 -18.96
N TYR A 73 -11.21 4.58 -18.39
CA TYR A 73 -10.84 4.47 -16.98
C TYR A 73 -12.01 4.89 -16.09
N ARG A 74 -12.55 6.06 -16.41
CA ARG A 74 -13.68 6.65 -15.71
C ARG A 74 -14.86 5.68 -15.65
N LYS A 75 -15.19 5.05 -16.78
CA LYS A 75 -16.32 4.12 -16.85
C LYS A 75 -16.04 2.75 -16.23
N LYS A 76 -14.87 2.60 -15.61
CA LYS A 76 -14.53 1.36 -14.95
C LYS A 76 -14.73 1.61 -13.45
N MET A 77 -15.09 2.85 -13.12
CA MET A 77 -15.33 3.26 -11.75
C MET A 77 -16.79 2.97 -11.37
N PRO A 78 -17.07 2.83 -10.07
CA PRO A 78 -18.44 2.56 -9.66
C PRO A 78 -19.22 3.87 -9.67
N PHE A 79 -20.55 3.79 -9.62
CA PHE A 79 -21.38 4.99 -9.61
C PHE A 79 -21.41 5.56 -8.19
N SER A 80 -21.34 6.89 -8.10
CA SER A 80 -21.33 7.56 -6.80
C SER A 80 -21.98 8.95 -6.88
N TYR A 81 -22.22 9.53 -5.71
CA TYR A 81 -22.83 10.85 -5.62
C TYR A 81 -21.77 11.94 -5.52
N PRO A 82 -22.13 13.17 -5.94
CA PRO A 82 -21.26 14.35 -5.94
C PRO A 82 -20.40 14.53 -4.70
N GLN A 83 -20.99 14.32 -3.53
CA GLN A 83 -20.28 14.50 -2.28
C GLN A 83 -19.44 13.30 -1.85
N GLN A 84 -19.26 12.33 -2.75
CA GLN A 84 -18.47 11.16 -2.40
C GLN A 84 -17.12 11.18 -3.07
N ILE A 85 -16.15 10.51 -2.44
CA ILE A 85 -14.82 10.42 -2.98
C ILE A 85 -14.54 8.97 -3.34
N THR A 86 -14.10 8.76 -4.57
CA THR A 86 -13.79 7.43 -5.06
C THR A 86 -12.29 7.19 -4.83
N ILE A 87 -11.97 6.00 -4.35
CA ILE A 87 -10.59 5.66 -4.06
C ILE A 87 -10.18 4.40 -4.79
N GLU A 88 -9.08 4.49 -5.52
CA GLU A 88 -8.58 3.32 -6.25
C GLU A 88 -7.36 2.80 -5.50
N LYS A 89 -7.14 1.50 -5.61
CA LYS A 89 -6.01 0.84 -4.98
C LYS A 89 -5.17 0.15 -6.05
N SER A 90 -3.92 0.57 -6.22
CA SER A 90 -3.03 -0.03 -7.21
C SER A 90 -1.58 -0.01 -6.74
N PRO A 91 -1.17 -1.03 -5.96
CA PRO A 91 0.18 -1.21 -5.39
C PRO A 91 1.34 -1.12 -6.38
N ALA A 92 1.15 -1.63 -7.59
CA ALA A 92 2.21 -1.59 -8.60
C ALA A 92 2.59 -0.17 -9.05
N TYR A 93 1.68 0.78 -8.87
CA TYR A 93 1.93 2.16 -9.26
C TYR A 93 3.18 2.76 -8.59
N PHE A 94 3.39 2.41 -7.34
CA PHE A 94 4.52 2.91 -6.55
C PHE A 94 5.88 2.71 -7.20
N ILE A 95 6.10 1.55 -7.82
CA ILE A 95 7.38 1.23 -8.46
C ILE A 95 7.48 1.44 -9.98
N THR A 96 6.36 1.43 -10.69
CA THR A 96 6.37 1.61 -12.14
C THR A 96 6.78 3.03 -12.51
N GLU A 97 7.93 3.14 -13.15
CA GLU A 97 8.54 4.42 -13.54
C GLU A 97 7.72 5.47 -14.30
N GLU A 98 6.72 5.05 -15.07
CA GLU A 98 5.95 6.03 -15.86
C GLU A 98 4.66 6.55 -15.21
N VAL A 99 4.15 5.83 -14.22
CA VAL A 99 2.90 6.21 -13.56
C VAL A 99 2.77 7.64 -13.04
N PRO A 100 3.75 8.14 -12.30
CA PRO A 100 3.68 9.51 -11.77
C PRO A 100 3.26 10.58 -12.78
N GLU A 101 3.98 10.67 -13.90
CA GLU A 101 3.67 11.67 -14.91
C GLU A 101 2.27 11.50 -15.50
N ARG A 102 1.84 10.26 -15.69
CA ARG A 102 0.53 10.03 -16.25
C ARG A 102 -0.58 10.46 -15.30
N ILE A 103 -0.43 10.11 -14.03
CA ILE A 103 -1.44 10.50 -13.06
C ILE A 103 -1.41 12.01 -12.90
N TYR A 104 -0.22 12.59 -12.92
CA TYR A 104 -0.09 14.03 -12.78
C TYR A 104 -0.87 14.75 -13.87
N LYS A 105 -0.72 14.26 -15.10
CA LYS A 105 -1.41 14.85 -16.25
C LYS A 105 -2.91 14.78 -16.04
N MET A 106 -3.41 13.60 -15.69
CA MET A 106 -4.84 13.45 -15.47
C MET A 106 -5.42 14.38 -14.40
N ASN A 107 -4.72 14.52 -13.27
CA ASN A 107 -5.18 15.38 -12.17
C ASN A 107 -4.02 15.70 -11.24
N SER A 108 -3.42 16.88 -11.44
CA SER A 108 -2.28 17.30 -10.64
C SER A 108 -2.56 17.59 -9.17
N SER A 109 -3.84 17.67 -8.79
CA SER A 109 -4.21 17.93 -7.41
C SER A 109 -4.71 16.68 -6.70
N ILE A 110 -4.55 15.52 -7.34
CA ILE A 110 -5.01 14.29 -6.74
C ILE A 110 -4.30 13.98 -5.43
N LYS A 111 -5.00 13.30 -4.52
CA LYS A 111 -4.40 12.94 -3.26
C LYS A 111 -3.86 11.52 -3.32
N LEU A 112 -2.69 11.32 -2.74
CA LEU A 112 -2.03 10.03 -2.78
C LEU A 112 -1.79 9.43 -1.41
N LEU A 113 -2.15 8.16 -1.28
CA LEU A 113 -1.98 7.45 -0.02
C LEU A 113 -0.92 6.36 -0.17
N ILE A 114 0.00 6.31 0.78
CA ILE A 114 1.05 5.30 0.78
C ILE A 114 1.02 4.58 2.12
N ILE A 115 0.88 3.26 2.09
CA ILE A 115 0.87 2.50 3.33
C ILE A 115 2.11 1.63 3.38
N VAL A 116 2.86 1.76 4.47
CA VAL A 116 4.10 1.02 4.61
C VAL A 116 4.26 0.36 5.97
N ARG A 117 5.08 -0.68 6.01
CA ARG A 117 5.39 -1.28 7.29
C ARG A 117 6.87 -1.61 7.30
N GLU A 118 7.36 -2.05 8.46
CA GLU A 118 8.76 -2.40 8.63
C GLU A 118 9.30 -2.98 7.32
N PRO A 119 10.34 -2.34 6.75
CA PRO A 119 11.01 -2.72 5.49
C PRO A 119 11.38 -4.18 5.35
N THR A 120 12.12 -4.70 6.32
CA THR A 120 12.54 -6.10 6.28
C THR A 120 11.32 -7.02 6.27
N THR A 121 10.36 -6.75 7.14
CA THR A 121 9.15 -7.56 7.22
C THR A 121 8.41 -7.49 5.88
N ARG A 122 8.28 -6.30 5.32
CA ARG A 122 7.59 -6.15 4.04
C ARG A 122 8.31 -6.92 2.95
N ALA A 123 9.64 -6.94 3.00
CA ALA A 123 10.40 -7.67 1.98
C ALA A 123 10.15 -9.17 2.07
N ILE A 124 10.06 -9.67 3.30
CA ILE A 124 9.82 -11.09 3.49
C ILE A 124 8.40 -11.45 3.06
N SER A 125 7.46 -10.55 3.28
CA SER A 125 6.08 -10.77 2.90
C SER A 125 5.99 -10.80 1.37
N ASP A 126 6.76 -9.94 0.73
CA ASP A 126 6.83 -9.84 -0.73
C ASP A 126 7.35 -11.19 -1.21
N TYR A 127 8.48 -11.60 -0.68
CA TYR A 127 9.09 -12.88 -1.03
C TYR A 127 8.13 -14.04 -0.86
N THR A 128 7.40 -14.04 0.25
CA THR A 128 6.45 -15.11 0.56
C THR A 128 5.37 -15.27 -0.50
N GLN A 129 4.87 -14.16 -1.00
CA GLN A 129 3.84 -14.21 -2.02
C GLN A 129 4.42 -14.77 -3.33
N VAL A 130 5.62 -14.34 -3.68
CA VAL A 130 6.26 -14.83 -4.90
C VAL A 130 6.51 -16.33 -4.76
N LEU A 131 6.90 -16.75 -3.57
CA LEU A 131 7.16 -18.15 -3.30
C LEU A 131 5.89 -18.97 -3.50
N GLU A 132 4.80 -18.53 -2.89
CA GLU A 132 3.52 -19.22 -3.00
C GLU A 132 3.06 -19.32 -4.46
N GLY A 133 3.37 -18.30 -5.25
CA GLY A 133 2.98 -18.29 -6.65
C GLY A 133 3.70 -19.35 -7.46
N LYS A 134 4.94 -19.66 -7.08
CA LYS A 134 5.72 -20.66 -7.78
C LYS A 134 5.35 -22.07 -7.35
N GLU A 135 5.08 -22.26 -6.05
CA GLU A 135 4.71 -23.58 -5.55
C GLU A 135 3.36 -23.99 -6.14
N ARG A 136 2.49 -23.00 -6.35
CA ARG A 136 1.17 -23.27 -6.91
C ARG A 136 1.36 -23.91 -8.29
N LYS A 137 2.28 -23.35 -9.06
CA LYS A 137 2.58 -23.84 -10.40
C LYS A 137 3.62 -24.96 -10.32
N ASN A 138 3.86 -25.45 -9.10
CA ASN A 138 4.83 -26.52 -8.87
C ASN A 138 6.19 -26.21 -9.49
N LYS A 139 6.84 -25.16 -9.01
CA LYS A 139 8.15 -24.76 -9.50
C LYS A 139 9.13 -24.63 -8.33
N THR A 140 10.40 -24.36 -8.63
CA THR A 140 11.41 -24.24 -7.60
C THR A 140 11.78 -22.78 -7.32
N TYR A 141 12.35 -22.54 -6.14
CA TYR A 141 12.75 -21.20 -5.74
C TYR A 141 13.73 -21.30 -4.58
N TYR A 142 14.49 -20.23 -4.35
CA TYR A 142 15.47 -20.25 -3.26
C TYR A 142 14.96 -19.64 -1.98
N LYS A 143 15.70 -19.86 -0.89
CA LYS A 143 15.35 -19.31 0.40
C LYS A 143 15.52 -17.80 0.29
N PHE A 144 14.81 -17.07 1.14
CA PHE A 144 14.89 -15.62 1.15
C PHE A 144 16.34 -15.16 1.22
N GLU A 145 17.10 -15.77 2.13
CA GLU A 145 18.51 -15.44 2.33
C GLU A 145 19.34 -15.48 1.05
N LYS A 146 19.20 -16.55 0.28
CA LYS A 146 19.97 -16.69 -0.95
C LYS A 146 19.67 -15.58 -1.94
N LEU A 147 18.47 -15.01 -1.84
CA LEU A 147 18.08 -13.95 -2.75
C LEU A 147 18.37 -12.54 -2.25
N ALA A 148 18.26 -12.34 -0.95
CA ALA A 148 18.48 -11.02 -0.37
C ALA A 148 19.92 -10.71 -0.04
N ILE A 149 20.77 -11.73 0.01
CA ILE A 149 22.17 -11.53 0.34
C ILE A 149 23.12 -12.02 -0.74
N ASP A 150 24.07 -11.17 -1.11
CA ASP A 150 25.07 -11.53 -2.11
C ASP A 150 25.92 -12.61 -1.44
N PRO A 151 26.02 -13.80 -2.06
CA PRO A 151 26.81 -14.88 -1.50
C PRO A 151 28.28 -14.53 -1.26
N ASN A 152 28.89 -13.85 -2.23
CA ASN A 152 30.29 -13.45 -2.15
C ASN A 152 30.60 -12.44 -1.05
N THR A 153 30.12 -11.21 -1.22
CA THR A 153 30.36 -10.13 -0.27
C THR A 153 29.64 -10.30 1.06
N CYS A 154 28.55 -11.06 1.06
CA CYS A 154 27.76 -11.28 2.27
C CYS A 154 27.03 -10.00 2.67
N GLU A 155 26.79 -9.13 1.69
CA GLU A 155 26.08 -7.87 1.92
C GLU A 155 24.69 -7.95 1.28
N VAL A 156 23.87 -6.94 1.51
CA VAL A 156 22.53 -6.92 0.95
C VAL A 156 22.51 -6.80 -0.58
N ASN A 157 21.70 -7.64 -1.21
CA ASN A 157 21.56 -7.66 -2.67
C ASN A 157 20.53 -6.62 -3.08
N THR A 158 21.02 -5.44 -3.47
CA THR A 158 20.16 -4.32 -3.87
C THR A 158 19.42 -4.51 -5.20
N LYS A 159 19.77 -5.55 -5.96
CA LYS A 159 19.12 -5.81 -7.25
C LYS A 159 17.81 -6.58 -7.05
N TYR A 160 17.66 -7.19 -5.88
CA TYR A 160 16.45 -7.95 -5.55
C TYR A 160 15.28 -7.00 -5.29
N LYS A 161 14.24 -7.12 -6.11
CA LYS A 161 13.05 -6.26 -6.01
C LYS A 161 12.40 -6.22 -4.63
N ALA A 162 12.32 -7.35 -3.94
CA ALA A 162 11.70 -7.36 -2.61
C ALA A 162 12.44 -6.37 -1.69
N VAL A 163 13.75 -6.26 -1.88
CA VAL A 163 14.58 -5.36 -1.10
C VAL A 163 14.44 -3.93 -1.62
N ARG A 164 14.55 -3.78 -2.94
CA ARG A 164 14.45 -2.47 -3.58
C ARG A 164 13.10 -1.79 -3.32
N THR A 165 12.03 -2.58 -3.34
CA THR A 165 10.70 -2.04 -3.10
C THR A 165 10.61 -1.48 -1.68
N SER A 166 11.36 -2.07 -0.75
CA SER A 166 11.34 -1.61 0.63
C SER A 166 12.16 -0.35 0.88
N ILE A 167 12.90 0.11 -0.13
CA ILE A 167 13.67 1.34 0.05
C ILE A 167 12.68 2.44 -0.36
N TYR A 168 11.71 2.64 0.52
CA TYR A 168 10.64 3.60 0.31
C TYR A 168 11.04 4.97 -0.17
N THR A 169 12.12 5.49 0.41
CA THR A 169 12.60 6.81 0.05
C THR A 169 12.94 6.95 -1.45
N LYS A 170 13.58 5.94 -2.02
CA LYS A 170 13.97 6.01 -3.44
C LYS A 170 12.75 6.24 -4.34
N HIS A 171 11.68 5.52 -4.07
CA HIS A 171 10.48 5.65 -4.88
C HIS A 171 9.75 6.96 -4.63
N LEU A 172 9.59 7.33 -3.37
CA LEU A 172 8.92 8.57 -3.04
C LEU A 172 9.60 9.73 -3.77
N GLU A 173 10.92 9.69 -3.87
CA GLU A 173 11.68 10.76 -4.55
C GLU A 173 11.16 10.97 -5.97
N ARG A 174 10.90 9.88 -6.68
CA ARG A 174 10.40 9.98 -8.04
C ARG A 174 9.05 10.69 -8.05
N TRP A 175 8.17 10.29 -7.14
CA TRP A 175 6.84 10.88 -7.06
C TRP A 175 6.88 12.35 -6.69
N LEU A 176 7.87 12.76 -5.91
CA LEU A 176 7.97 14.15 -5.50
C LEU A 176 8.36 15.06 -6.66
N LYS A 177 8.82 14.46 -7.77
CA LYS A 177 9.19 15.25 -8.94
C LYS A 177 7.94 15.83 -9.59
N TYR A 178 6.78 15.25 -9.25
CA TYR A 178 5.50 15.71 -9.81
C TYR A 178 4.50 16.25 -8.80
N PHE A 179 4.51 15.71 -7.59
CA PHE A 179 3.57 16.15 -6.57
C PHE A 179 4.27 16.69 -5.32
N PRO A 180 3.71 17.75 -4.72
CA PRO A 180 4.26 18.37 -3.51
C PRO A 180 4.04 17.33 -2.39
N ILE A 181 4.89 17.34 -1.38
CA ILE A 181 4.73 16.37 -0.29
C ILE A 181 3.35 16.49 0.38
N GLU A 182 2.77 17.70 0.37
CA GLU A 182 1.46 17.95 0.96
C GLU A 182 0.33 17.07 0.40
N GLN A 183 0.47 16.59 -0.83
CA GLN A 183 -0.57 15.76 -1.45
C GLN A 183 -0.46 14.29 -1.11
N PHE A 184 0.54 13.95 -0.31
CA PHE A 184 0.74 12.55 0.10
C PHE A 184 0.39 12.39 1.58
N HIS A 185 -0.04 11.19 1.94
CA HIS A 185 -0.30 10.88 3.33
C HIS A 185 0.23 9.47 3.53
N VAL A 186 1.09 9.30 4.53
CA VAL A 186 1.69 8.01 4.83
C VAL A 186 0.94 7.32 5.97
N VAL A 187 0.46 6.12 5.70
CA VAL A 187 -0.26 5.33 6.69
C VAL A 187 0.73 4.36 7.32
N ASP A 188 0.75 4.29 8.65
CA ASP A 188 1.64 3.37 9.38
C ASP A 188 0.96 2.01 9.31
N GLY A 189 1.46 1.13 8.45
CA GLY A 189 0.88 -0.19 8.31
C GLY A 189 1.07 -1.11 9.50
N ASP A 190 2.13 -0.89 10.28
CA ASP A 190 2.35 -1.73 11.46
C ASP A 190 1.28 -1.38 12.48
N ARG A 191 0.97 -0.09 12.61
CA ARG A 191 -0.05 0.37 13.55
C ARG A 191 -1.45 0.03 13.04
N LEU A 192 -1.61 -0.05 11.72
CA LEU A 192 -2.91 -0.38 11.14
C LEU A 192 -3.27 -1.80 11.55
N ILE A 193 -2.26 -2.60 11.80
CA ILE A 193 -2.48 -3.98 12.21
C ILE A 193 -2.81 -4.07 13.70
N THR A 194 -2.06 -3.34 14.54
CA THR A 194 -2.25 -3.37 16.00
C THR A 194 -3.33 -2.44 16.58
N GLU A 195 -3.39 -1.20 16.08
CA GLU A 195 -4.36 -0.22 16.56
C GLU A 195 -4.77 0.66 15.37
N PRO A 196 -5.75 0.19 14.58
CA PRO A 196 -6.29 0.85 13.38
C PRO A 196 -6.93 2.24 13.46
N LEU A 197 -7.94 2.37 14.31
CA LEU A 197 -8.69 3.62 14.38
C LEU A 197 -7.90 4.92 14.23
N PRO A 198 -6.86 5.15 15.04
CA PRO A 198 -6.09 6.39 14.93
C PRO A 198 -5.53 6.65 13.53
N GLU A 199 -5.05 5.60 12.87
CA GLU A 199 -4.50 5.75 11.52
C GLU A 199 -5.63 6.13 10.55
N LEU A 200 -6.79 5.50 10.70
CA LEU A 200 -7.91 5.80 9.81
C LEU A 200 -8.43 7.22 10.06
N GLN A 201 -8.32 7.68 11.28
CA GLN A 201 -8.79 9.02 11.61
C GLN A 201 -7.91 10.07 10.96
N LEU A 202 -6.62 9.78 10.81
CA LEU A 202 -5.73 10.75 10.15
C LEU A 202 -6.12 10.79 8.68
N VAL A 203 -6.41 9.62 8.09
CA VAL A 203 -6.79 9.58 6.68
C VAL A 203 -8.07 10.36 6.44
N GLU A 204 -8.99 10.32 7.40
CA GLU A 204 -10.24 11.05 7.29
C GLU A 204 -9.97 12.54 7.17
N LYS A 205 -9.08 13.06 8.01
CA LYS A 205 -8.76 14.48 7.96
C LYS A 205 -7.99 14.82 6.70
N PHE A 206 -7.10 13.93 6.28
CA PHE A 206 -6.33 14.17 5.07
C PHE A 206 -7.28 14.32 3.87
N LEU A 207 -8.35 13.53 3.86
CA LEU A 207 -9.33 13.56 2.77
C LEU A 207 -10.46 14.58 2.99
N ASN A 208 -10.32 15.41 4.02
CA ASN A 208 -11.34 16.42 4.32
C ASN A 208 -12.71 15.81 4.58
N LEU A 209 -12.71 14.63 5.19
CA LEU A 209 -13.95 13.94 5.51
C LEU A 209 -14.26 14.03 7.00
N PRO A 210 -15.55 14.20 7.35
CA PRO A 210 -15.90 14.29 8.77
C PRO A 210 -15.71 12.92 9.41
N PRO A 211 -15.42 12.88 10.71
CA PRO A 211 -15.21 11.61 11.40
C PRO A 211 -16.48 10.76 11.42
N ARG A 212 -16.39 9.52 10.92
CA ARG A 212 -17.54 8.63 10.88
C ARG A 212 -17.20 7.19 11.19
N ILE A 213 -15.95 6.80 10.98
CA ILE A 213 -15.53 5.44 11.28
C ILE A 213 -15.32 5.38 12.79
N SER A 214 -15.94 4.41 13.43
CA SER A 214 -15.83 4.28 14.88
C SER A 214 -15.27 2.94 15.33
N GLN A 215 -14.99 2.84 16.62
CA GLN A 215 -14.43 1.64 17.22
C GLN A 215 -15.40 0.46 17.06
N TYR A 216 -16.68 0.78 16.92
CA TYR A 216 -17.70 -0.25 16.74
C TYR A 216 -17.49 -0.99 15.42
N ASN A 217 -16.94 -0.28 14.43
CA ASN A 217 -16.69 -0.83 13.11
C ASN A 217 -15.53 -1.83 13.04
N LEU A 218 -14.66 -1.83 14.04
CA LEU A 218 -13.51 -2.73 14.05
C LEU A 218 -13.49 -3.60 15.30
N TYR A 219 -13.25 -4.90 15.11
CA TYR A 219 -13.20 -5.82 16.26
C TYR A 219 -12.04 -6.80 16.06
N PHE A 220 -11.35 -7.12 17.15
CA PHE A 220 -10.20 -8.02 17.04
C PHE A 220 -10.55 -9.51 17.03
N ASN A 221 -10.06 -10.20 16.00
CA ASN A 221 -10.27 -11.63 15.83
C ASN A 221 -9.00 -12.36 16.25
N ALA A 222 -8.97 -12.88 17.47
CA ALA A 222 -7.80 -13.58 17.97
C ALA A 222 -7.42 -14.77 17.09
N THR A 223 -8.43 -15.42 16.50
CA THR A 223 -8.21 -16.57 15.64
C THR A 223 -7.37 -16.19 14.42
N ARG A 224 -7.89 -15.26 13.61
CA ARG A 224 -7.18 -14.83 12.41
C ARG A 224 -5.91 -14.04 12.75
N GLY A 225 -5.90 -13.42 13.93
CA GLY A 225 -4.74 -12.65 14.35
C GLY A 225 -4.77 -11.19 13.90
N PHE A 226 -5.85 -10.80 13.23
CA PHE A 226 -6.01 -9.44 12.73
C PHE A 226 -7.38 -8.89 13.10
N TYR A 227 -7.59 -7.62 12.78
CA TYR A 227 -8.86 -6.94 13.02
C TYR A 227 -9.77 -7.24 11.82
N CYS A 228 -11.07 -7.36 12.07
CA CYS A 228 -12.02 -7.61 11.00
C CYS A 228 -13.05 -6.49 11.03
N LEU A 229 -13.76 -6.30 9.93
CA LEU A 229 -14.74 -5.23 9.84
C LEU A 229 -16.15 -5.61 10.29
N ARG A 230 -16.79 -4.70 11.00
CA ARG A 230 -18.15 -4.91 11.47
C ARG A 230 -19.02 -3.82 10.87
N PHE A 231 -19.88 -4.21 9.94
CA PHE A 231 -20.75 -3.26 9.26
C PHE A 231 -22.07 -3.01 9.97
N ASN A 232 -23.01 -3.93 9.84
CA ASN A 232 -24.32 -3.82 10.47
C ASN A 232 -24.36 -4.57 11.79
N GLU A 233 -25.54 -5.05 12.16
CA GLU A 233 -25.72 -5.79 13.41
C GLU A 233 -25.34 -7.26 13.22
N ILE A 234 -25.59 -7.78 12.02
CA ILE A 234 -25.29 -9.17 11.70
C ILE A 234 -24.43 -9.26 10.44
N PHE A 235 -23.47 -8.35 10.31
CA PHE A 235 -22.59 -8.34 9.16
C PHE A 235 -21.15 -8.05 9.59
N ASN A 236 -20.32 -9.08 9.53
CA ASN A 236 -18.90 -8.97 9.89
C ASN A 236 -18.10 -9.42 8.68
N LYS A 237 -16.96 -8.80 8.44
CA LYS A 237 -16.14 -9.14 7.29
C LYS A 237 -14.65 -9.12 7.58
N CYS A 238 -13.99 -10.24 7.33
CA CYS A 238 -12.55 -10.32 7.53
C CYS A 238 -11.92 -10.28 6.14
N LEU A 239 -10.63 -9.99 6.05
CA LEU A 239 -9.96 -9.93 4.76
C LEU A 239 -9.41 -11.26 4.31
N ALA A 240 -9.37 -11.45 2.99
CA ALA A 240 -8.86 -12.69 2.39
C ALA A 240 -7.55 -13.15 3.03
N ARG A 245 -0.48 -14.70 5.47
CA ARG A 245 0.27 -15.83 4.92
C ARG A 245 1.36 -16.27 5.89
N ILE A 246 1.63 -17.57 5.93
CA ILE A 246 2.64 -18.12 6.83
C ILE A 246 4.03 -17.73 6.34
N HIS A 247 4.67 -16.81 7.07
CA HIS A 247 6.00 -16.37 6.70
C HIS A 247 7.08 -17.37 7.05
N PRO A 248 8.20 -17.34 6.31
CA PRO A 248 9.31 -18.25 6.55
C PRO A 248 10.22 -17.69 7.65
N GLU A 249 10.85 -18.59 8.40
CA GLU A 249 11.76 -18.15 9.44
C GLU A 249 13.05 -17.75 8.74
N VAL A 250 13.52 -16.53 9.02
CA VAL A 250 14.74 -16.04 8.41
C VAL A 250 15.89 -15.99 9.41
N ASP A 251 17.07 -16.36 8.94
CA ASP A 251 18.28 -16.36 9.73
C ASP A 251 18.41 -15.01 10.43
N PRO A 252 18.40 -15.01 11.78
CA PRO A 252 18.51 -13.78 12.58
C PRO A 252 19.64 -12.88 12.13
N SER A 253 20.68 -13.48 11.56
CA SER A 253 21.84 -12.75 11.08
C SER A 253 21.49 -11.93 9.84
N VAL A 254 20.71 -12.53 8.94
CA VAL A 254 20.29 -11.85 7.72
C VAL A 254 19.36 -10.72 8.10
N ILE A 255 18.44 -10.99 9.02
CA ILE A 255 17.49 -9.99 9.48
C ILE A 255 18.25 -8.77 10.01
N THR A 256 19.36 -9.02 10.70
CA THR A 256 20.16 -7.93 11.26
C THR A 256 20.84 -7.10 10.18
N LYS A 257 21.37 -7.75 9.14
CA LYS A 257 22.02 -7.01 8.07
C LYS A 257 21.01 -6.14 7.34
N LEU A 258 19.84 -6.70 7.03
CA LEU A 258 18.81 -5.93 6.35
C LEU A 258 18.37 -4.71 7.18
N ARG A 259 18.16 -4.90 8.48
CA ARG A 259 17.75 -3.78 9.31
C ARG A 259 18.76 -2.64 9.25
N LYS A 260 20.04 -2.97 9.37
CA LYS A 260 21.09 -1.95 9.33
C LYS A 260 21.11 -1.28 7.96
N PHE A 261 20.93 -2.08 6.91
CA PHE A 261 20.91 -1.56 5.54
C PHE A 261 19.81 -0.48 5.34
N PHE A 262 18.58 -0.80 5.75
CA PHE A 262 17.46 0.12 5.60
C PHE A 262 17.53 1.35 6.50
N HIS A 263 18.11 1.18 7.69
CA HIS A 263 18.20 2.25 8.66
C HIS A 263 18.39 3.65 8.13
N PRO A 264 19.44 3.90 7.33
CA PRO A 264 19.59 5.27 6.82
C PRO A 264 18.49 5.70 5.84
N PHE A 265 17.95 4.76 5.07
CA PHE A 265 16.87 5.11 4.14
C PHE A 265 15.62 5.37 4.96
N ASN A 266 15.46 4.64 6.06
CA ASN A 266 14.30 4.83 6.93
C ASN A 266 14.33 6.25 7.53
N GLN A 267 15.50 6.69 7.97
CA GLN A 267 15.64 8.02 8.56
C GLN A 267 15.32 9.09 7.54
N LYS A 268 15.70 8.85 6.30
CA LYS A 268 15.42 9.82 5.23
C LYS A 268 13.91 9.85 5.04
N PHE A 269 13.28 8.68 5.07
CA PHE A 269 11.84 8.59 4.89
C PHE A 269 11.08 9.40 5.95
N TYR A 270 11.46 9.22 7.22
CA TYR A 270 10.79 9.97 8.30
C TYR A 270 10.95 11.47 8.12
N GLN A 271 12.15 11.88 7.74
CA GLN A 271 12.45 13.29 7.55
C GLN A 271 11.64 13.93 6.45
N ILE A 272 11.53 13.23 5.32
CA ILE A 272 10.76 13.73 4.19
C ILE A 272 9.26 13.75 4.42
N THR A 273 8.74 12.68 5.01
CA THR A 273 7.29 12.59 5.26
C THR A 273 6.82 13.30 6.51
N GLY A 274 7.71 13.46 7.49
CA GLY A 274 7.31 14.11 8.72
C GLY A 274 6.80 13.08 9.72
N ARG A 275 6.71 11.82 9.30
CA ARG A 275 6.24 10.77 10.19
C ARG A 275 7.36 9.82 10.62
N THR A 276 7.61 9.74 11.91
CA THR A 276 8.62 8.84 12.42
C THR A 276 7.88 7.53 12.73
N LEU A 277 8.30 6.44 12.10
CA LEU A 277 7.63 5.15 12.28
C LEU A 277 8.31 4.16 13.22
N ASN A 278 9.46 4.52 13.75
CA ASN A 278 10.14 3.65 14.71
C ASN A 278 10.39 2.22 14.25
N TRP A 279 11.10 2.08 13.15
CA TRP A 279 11.40 0.74 12.67
C TRP A 279 12.72 0.30 13.28
N PRO A 280 12.84 -1.00 13.60
CA PRO A 280 14.06 -1.54 14.19
C PRO A 280 15.22 -1.45 13.20
#